data_6HXN
#
_entry.id   6HXN
#
_cell.length_a   110.029
_cell.length_b   110.029
_cell.length_c   92.749
_cell.angle_alpha   90.00
_cell.angle_beta   90.00
_cell.angle_gamma   120.00
#
_symmetry.space_group_name_H-M   'P 31 2 1'
#
loop_
_entity.id
_entity.type
_entity.pdbx_description
1 polymer 'ATP-citrate lyase alpha-subunit'
2 non-polymer 'COENZYME A'
3 non-polymer 'SULFATE ION'
4 water water
#
_entity_poly.entity_id   1
_entity_poly.type   'polypeptide(L)'
_entity_poly.pdbx_seq_one_letter_code
;MGSSHHHHHHSSGLVPRGSHMVEPLIRTTISDDRGEEPRYAGYAASELCSKGYGIEDVIGLLWNKKLPTREESEIIKRIV
MISADHGPAVSGAFGSILAACAGIDMPQAVSAGMTMIGPRFGGAVTNAGKYFKMAVEDYPNDIPGFLSWMKKNVGPVPGI
GHRVKSVKNPDQRVKYLVSYIKNETSLHTPCLDYALEVEKVTTAKKGNLILNVDGTIGCILMDLDFPVHSLNGFFVLART
IGMIGHWIDQNNQNSRLIRLYDYLINYAVKPEQEVPEKK
;
_entity_poly.pdbx_strand_id   A,B
#
loop_
_chem_comp.id
_chem_comp.type
_chem_comp.name
_chem_comp.formula
COA non-polymer 'COENZYME A' 'C21 H36 N7 O16 P3 S'
SO4 non-polymer 'SULFATE ION' 'O4 S -2'
#
# COMPACT_ATOMS: atom_id res chain seq x y z
N GLU A 23 -10.65 19.94 -28.23
CA GLU A 23 -10.71 18.58 -28.76
C GLU A 23 -9.65 17.58 -28.17
N PRO A 24 -8.30 17.78 -28.09
CA PRO A 24 -7.47 16.74 -27.42
C PRO A 24 -7.85 16.59 -25.94
N LEU A 25 -7.76 15.35 -25.43
CA LEU A 25 -8.08 15.04 -24.04
C LEU A 25 -6.93 15.48 -23.12
N ILE A 26 -5.67 15.33 -23.59
CA ILE A 26 -4.49 15.70 -22.80
C ILE A 26 -3.49 16.51 -23.60
N ARG A 27 -2.69 17.33 -22.88
CA ARG A 27 -1.62 18.12 -23.49
C ARG A 27 -0.35 17.71 -22.77
N THR A 28 0.66 17.35 -23.55
CA THR A 28 1.92 16.88 -22.98
C THR A 28 3.06 17.70 -23.57
N THR A 29 4.09 17.96 -22.77
CA THR A 29 5.22 18.78 -23.26
C THR A 29 6.61 18.13 -23.11
N ILE A 30 6.72 16.97 -22.43
CA ILE A 30 8.02 16.41 -22.08
C ILE A 30 8.57 15.28 -22.92
N SER A 31 7.69 14.52 -23.61
CA SER A 31 8.18 13.35 -24.35
CA SER A 31 8.13 13.30 -24.28
C SER A 31 7.36 13.03 -25.56
N ASP A 32 8.06 12.64 -26.64
CA ASP A 32 7.40 12.35 -27.90
C ASP A 32 7.83 10.96 -28.34
N ASP A 33 6.89 10.03 -28.33
CA ASP A 33 7.12 8.61 -28.70
C ASP A 33 6.82 8.30 -30.19
N ARG A 34 6.34 9.29 -30.96
CA ARG A 34 5.87 9.05 -32.32
C ARG A 34 6.94 8.67 -33.36
N GLY A 35 8.20 8.97 -33.10
CA GLY A 35 9.28 8.64 -34.04
C GLY A 35 9.83 7.25 -33.90
N GLU A 36 11.07 7.02 -34.40
CA GLU A 36 11.71 5.71 -34.34
C GLU A 36 12.09 5.33 -32.90
N GLU A 37 12.18 6.33 -32.02
CA GLU A 37 12.44 6.17 -30.60
C GLU A 37 11.94 7.43 -29.86
N PRO A 38 11.74 7.35 -28.54
CA PRO A 38 11.26 8.54 -27.83
C PRO A 38 12.27 9.67 -27.78
N ARG A 39 11.72 10.90 -27.79
CA ARG A 39 12.48 12.12 -27.61
C ARG A 39 12.09 12.67 -26.23
N TYR A 40 13.08 12.88 -25.36
CA TYR A 40 12.87 13.42 -24.01
C TYR A 40 13.30 14.88 -24.05
N ALA A 41 12.33 15.81 -23.88
CA ALA A 41 12.58 17.27 -23.98
C ALA A 41 13.40 17.60 -25.27
N GLY A 42 13.04 16.91 -26.35
CA GLY A 42 13.63 17.11 -27.68
C GLY A 42 14.84 16.26 -28.08
N TYR A 43 15.42 15.51 -27.11
CA TYR A 43 16.62 14.68 -27.36
C TYR A 43 16.27 13.20 -27.52
N ALA A 44 16.87 12.55 -28.53
CA ALA A 44 16.66 11.13 -28.78
C ALA A 44 17.34 10.29 -27.68
N ALA A 45 16.60 9.34 -27.10
CA ALA A 45 17.11 8.48 -26.01
C ALA A 45 18.45 7.79 -26.39
N SER A 46 18.53 7.17 -27.58
CA SER A 46 19.76 6.45 -27.96
C SER A 46 20.94 7.39 -28.18
N GLU A 47 20.66 8.62 -28.60
CA GLU A 47 21.70 9.63 -28.82
C GLU A 47 22.29 10.08 -27.49
N LEU A 48 21.46 10.18 -26.45
CA LEU A 48 21.93 10.49 -25.08
C LEU A 48 22.86 9.36 -24.62
N CYS A 49 22.45 8.10 -24.85
CA CYS A 49 23.28 6.92 -24.51
C CYS A 49 24.61 6.97 -25.25
N SER A 50 24.56 7.14 -26.58
N SER A 50 24.57 7.14 -26.59
CA SER A 50 25.72 7.15 -27.44
CA SER A 50 25.78 7.10 -27.43
C SER A 50 26.77 8.18 -27.03
C SER A 50 26.79 8.23 -27.15
N LYS A 51 26.32 9.37 -26.63
CA LYS A 51 27.22 10.49 -26.29
C LYS A 51 27.69 10.46 -24.82
N GLY A 52 27.40 9.38 -24.11
CA GLY A 52 27.87 9.16 -22.75
C GLY A 52 27.09 9.76 -21.60
N TYR A 53 25.83 10.18 -21.86
CA TYR A 53 24.94 10.72 -20.81
C TYR A 53 24.38 9.57 -19.97
N GLY A 54 23.79 9.89 -18.82
CA GLY A 54 23.30 8.88 -17.90
C GLY A 54 21.86 9.00 -17.47
N ILE A 55 21.48 8.15 -16.53
CA ILE A 55 20.14 8.15 -15.96
C ILE A 55 19.81 9.55 -15.37
N GLU A 56 20.78 10.16 -14.66
CA GLU A 56 20.64 11.48 -14.04
C GLU A 56 20.31 12.56 -15.09
N ASP A 57 20.82 12.39 -16.33
CA ASP A 57 20.56 13.34 -17.42
C ASP A 57 19.14 13.17 -17.93
N VAL A 58 18.68 11.92 -18.05
CA VAL A 58 17.28 11.65 -18.44
C VAL A 58 16.31 12.21 -17.37
N ILE A 59 16.68 12.12 -16.10
CA ILE A 59 15.87 12.68 -14.99
C ILE A 59 15.73 14.22 -15.19
N GLY A 60 16.84 14.93 -15.44
CA GLY A 60 16.81 16.37 -15.68
C GLY A 60 15.93 16.73 -16.86
N LEU A 61 16.03 15.93 -17.95
CA LEU A 61 15.21 16.17 -19.15
C LEU A 61 13.73 15.98 -18.90
N LEU A 62 13.34 14.85 -18.31
CA LEU A 62 11.94 14.57 -18.14
C LEU A 62 11.26 15.36 -17.01
N TRP A 63 12.03 15.80 -16.01
CA TRP A 63 11.43 16.53 -14.89
C TRP A 63 11.61 18.05 -14.96
N ASN A 64 12.62 18.53 -15.70
CA ASN A 64 12.93 19.96 -15.76
C ASN A 64 13.08 20.48 -17.19
N LYS A 65 12.94 19.59 -18.20
CA LYS A 65 13.05 19.89 -19.64
C LYS A 65 14.35 20.62 -19.97
N LYS A 66 15.42 20.24 -19.27
CA LYS A 66 16.72 20.85 -19.48
C LYS A 66 17.80 19.81 -19.27
N LEU A 67 18.77 19.76 -20.19
CA LEU A 67 19.91 18.85 -20.03
C LEU A 67 20.78 19.41 -18.90
N PRO A 68 21.04 18.67 -17.80
CA PRO A 68 21.88 19.25 -16.73
C PRO A 68 23.27 19.55 -17.23
N THR A 69 23.93 20.52 -16.59
CA THR A 69 25.34 20.80 -16.83
C THR A 69 26.10 19.62 -16.19
N ARG A 70 27.39 19.50 -16.45
CA ARG A 70 28.17 18.41 -15.90
C ARG A 70 28.14 18.41 -14.35
N GLU A 71 28.27 19.59 -13.71
CA GLU A 71 28.22 19.68 -12.23
C GLU A 71 26.83 19.34 -11.70
N GLU A 72 25.77 19.83 -12.35
CA GLU A 72 24.38 19.51 -11.93
C GLU A 72 24.14 17.99 -12.03
N SER A 73 24.61 17.38 -13.14
CA SER A 73 24.47 15.93 -13.40
C SER A 73 25.14 15.12 -12.28
N GLU A 74 26.36 15.52 -11.86
CA GLU A 74 27.10 14.86 -10.77
C GLU A 74 26.33 14.93 -9.45
N ILE A 75 25.65 16.07 -9.20
CA ILE A 75 24.86 16.26 -7.98
C ILE A 75 23.60 15.39 -8.02
N ILE A 76 22.86 15.43 -9.13
CA ILE A 76 21.64 14.61 -9.26
C ILE A 76 21.96 13.12 -9.04
N LYS A 77 23.05 12.64 -9.67
CA LYS A 77 23.50 11.25 -9.53
C LYS A 77 23.70 10.91 -8.04
N ARG A 78 24.43 11.76 -7.32
CA ARG A 78 24.73 11.55 -5.91
C ARG A 78 23.49 11.59 -5.03
N ILE A 79 22.56 12.54 -5.29
CA ILE A 79 21.33 12.61 -4.50
C ILE A 79 20.59 11.25 -4.62
N VAL A 80 20.45 10.73 -5.85
CA VAL A 80 19.74 9.45 -6.05
C VAL A 80 20.45 8.27 -5.35
N MET A 81 21.78 8.17 -5.53
CA MET A 81 22.56 7.09 -4.92
C MET A 81 22.47 7.10 -3.40
N ILE A 82 22.61 8.29 -2.79
CA ILE A 82 22.57 8.45 -1.34
C ILE A 82 21.18 8.12 -0.74
N SER A 83 20.11 8.37 -1.53
CA SER A 83 18.72 8.24 -1.12
C SER A 83 18.06 6.91 -1.51
N ALA A 84 18.80 6.00 -2.19
CA ALA A 84 18.22 4.76 -2.75
C ALA A 84 17.50 3.86 -1.72
N ASP A 85 18.01 3.80 -0.49
CA ASP A 85 17.35 2.98 0.54
C ASP A 85 17.84 3.36 1.92
N HIS A 86 17.00 3.11 2.92
CA HIS A 86 17.43 3.37 4.31
C HIS A 86 16.91 2.27 5.23
N GLY A 87 17.05 1.02 4.76
CA GLY A 87 16.67 -0.13 5.55
C GLY A 87 15.21 -0.51 5.46
N PRO A 88 14.87 -1.67 6.06
CA PRO A 88 13.51 -2.19 5.93
C PRO A 88 12.50 -1.68 6.97
N ALA A 89 12.95 -0.90 7.96
CA ALA A 89 12.07 -0.47 9.07
C ALA A 89 11.18 0.71 8.72
N VAL A 90 11.58 1.50 7.72
CA VAL A 90 10.89 2.74 7.34
C VAL A 90 9.67 2.42 6.46
N SER A 91 8.69 3.33 6.43
CA SER A 91 7.37 3.11 5.84
C SER A 91 7.35 2.57 4.41
N GLY A 92 8.13 3.14 3.49
CA GLY A 92 8.12 2.72 2.08
C GLY A 92 8.60 1.29 1.91
N ALA A 93 9.82 1.04 2.40
CA ALA A 93 10.39 -0.31 2.33
C ALA A 93 9.50 -1.31 3.09
N PHE A 94 9.00 -0.94 4.28
CA PHE A 94 8.16 -1.87 5.05
C PHE A 94 6.83 -2.19 4.31
N GLY A 95 6.21 -1.17 3.68
CA GLY A 95 4.99 -1.38 2.89
C GLY A 95 5.23 -2.36 1.75
N SER A 96 6.37 -2.20 1.04
CA SER A 96 6.76 -3.06 -0.07
CA SER A 96 6.73 -3.06 -0.06
C SER A 96 6.99 -4.50 0.44
N ILE A 97 7.61 -4.64 1.64
CA ILE A 97 7.89 -5.94 2.26
C ILE A 97 6.58 -6.64 2.67
N LEU A 98 5.66 -5.88 3.26
CA LEU A 98 4.36 -6.41 3.68
C LEU A 98 3.63 -6.98 2.45
N ALA A 99 3.59 -6.21 1.34
CA ALA A 99 2.95 -6.68 0.10
C ALA A 99 3.71 -7.90 -0.48
N ALA A 100 5.04 -7.86 -0.48
CA ALA A 100 5.85 -8.99 -0.99
C ALA A 100 5.52 -10.28 -0.20
N CYS A 101 5.44 -10.16 1.14
CA CYS A 101 5.14 -11.29 2.00
C CYS A 101 3.69 -11.77 1.90
N ALA A 102 2.79 -10.91 1.38
CA ALA A 102 1.41 -11.30 1.11
C ALA A 102 1.27 -11.91 -0.30
N GLY A 103 2.39 -12.06 -1.03
CA GLY A 103 2.39 -12.69 -2.34
C GLY A 103 2.00 -11.78 -3.50
N ILE A 104 2.06 -10.45 -3.28
CA ILE A 104 1.72 -9.46 -4.30
C ILE A 104 2.88 -9.30 -5.28
N ASP A 105 2.55 -9.10 -6.57
CA ASP A 105 3.55 -8.89 -7.61
C ASP A 105 4.34 -7.59 -7.36
N MET A 106 5.56 -7.52 -7.91
CA MET A 106 6.48 -6.40 -7.68
C MET A 106 5.86 -5.00 -7.94
N PRO A 107 5.31 -4.66 -9.13
CA PRO A 107 4.86 -3.28 -9.34
C PRO A 107 3.79 -2.84 -8.34
N GLN A 108 2.85 -3.74 -8.04
CA GLN A 108 1.77 -3.44 -7.10
C GLN A 108 2.31 -3.33 -5.66
N ALA A 109 3.26 -4.20 -5.28
CA ALA A 109 3.91 -4.11 -3.96
C ALA A 109 4.67 -2.78 -3.78
N VAL A 110 5.46 -2.41 -4.79
CA VAL A 110 6.21 -1.16 -4.77
C VAL A 110 5.23 0.05 -4.76
N SER A 111 4.08 -0.05 -5.48
CA SER A 111 3.08 1.02 -5.46
C SER A 111 2.54 1.25 -4.05
N ALA A 112 2.32 0.16 -3.26
CA ALA A 112 1.86 0.25 -1.85
C ALA A 112 2.92 1.00 -1.00
N GLY A 113 4.19 0.68 -1.17
CA GLY A 113 5.26 1.37 -0.43
C GLY A 113 5.38 2.83 -0.84
N MET A 114 5.30 3.10 -2.16
CA MET A 114 5.34 4.46 -2.69
C MET A 114 4.19 5.32 -2.11
N THR A 115 3.00 4.70 -1.90
CA THR A 115 1.84 5.38 -1.33
C THR A 115 2.16 6.00 0.06
N MET A 116 3.18 5.47 0.76
CA MET A 116 3.57 5.95 2.09
C MET A 116 4.28 7.33 2.05
N ILE A 117 4.77 7.74 0.86
CA ILE A 117 5.53 8.98 0.70
C ILE A 117 4.61 10.17 0.85
N GLY A 118 4.91 10.99 1.83
CA GLY A 118 4.06 12.11 2.19
C GLY A 118 4.68 12.94 3.28
N PRO A 119 3.86 13.55 4.16
CA PRO A 119 4.41 14.51 5.14
C PRO A 119 5.41 13.95 6.15
N ARG A 120 5.28 12.67 6.52
CA ARG A 120 6.15 12.06 7.53
C ARG A 120 7.23 11.17 6.96
N PHE A 121 7.10 10.81 5.69
CA PHE A 121 8.08 9.94 5.05
C PHE A 121 8.46 10.58 3.71
N GLY A 122 9.59 11.28 3.70
CA GLY A 122 10.12 11.93 2.51
C GLY A 122 9.66 13.34 2.22
N GLY A 123 8.42 13.67 2.59
CA GLY A 123 7.80 14.97 2.29
C GLY A 123 8.53 16.20 2.77
N ALA A 124 9.30 16.10 3.89
CA ALA A 124 10.06 17.21 4.47
C ALA A 124 11.08 17.78 3.49
N VAL A 125 11.48 17.02 2.44
CA VAL A 125 12.41 17.53 1.41
C VAL A 125 11.80 18.83 0.82
N THR A 126 10.51 18.77 0.41
CA THR A 126 9.82 19.91 -0.19
C THR A 126 9.67 21.05 0.81
N ASN A 127 9.22 20.75 2.01
CA ASN A 127 9.05 21.82 3.02
C ASN A 127 10.38 22.49 3.39
N ALA A 128 11.42 21.70 3.53
CA ALA A 128 12.74 22.27 3.86
C ALA A 128 13.19 23.19 2.72
N GLY A 129 13.03 22.75 1.47
CA GLY A 129 13.35 23.58 0.32
C GLY A 129 12.57 24.89 0.35
N LYS A 130 11.25 24.80 0.58
CA LYS A 130 10.35 25.96 0.62
C LYS A 130 10.74 26.96 1.74
N TYR A 131 10.92 26.46 2.97
CA TYR A 131 11.20 27.33 4.09
C TYR A 131 12.62 27.86 4.12
N PHE A 132 13.64 27.10 3.63
CA PHE A 132 14.98 27.67 3.58
C PHE A 132 15.08 28.72 2.45
N LYS A 133 14.30 28.53 1.35
CA LYS A 133 14.24 29.54 0.28
C LYS A 133 13.63 30.83 0.88
N MET A 134 12.54 30.68 1.67
N MET A 134 12.54 30.68 1.68
CA MET A 134 11.89 31.81 2.34
CA MET A 134 11.88 31.79 2.38
C MET A 134 12.89 32.49 3.29
C MET A 134 12.85 32.49 3.34
N ALA A 135 13.69 31.69 4.04
CA ALA A 135 14.70 32.21 4.98
C ALA A 135 15.71 33.13 4.25
N VAL A 136 16.22 32.67 3.10
CA VAL A 136 17.17 33.43 2.28
C VAL A 136 16.55 34.76 1.80
N GLU A 137 15.28 34.71 1.36
CA GLU A 137 14.59 35.88 0.84
C GLU A 137 14.12 36.88 1.88
N ASP A 138 13.54 36.39 3.00
CA ASP A 138 12.90 37.21 4.01
C ASP A 138 13.67 37.42 5.32
N TYR A 139 14.63 36.52 5.65
CA TYR A 139 15.43 36.61 6.87
C TYR A 139 16.94 36.47 6.54
N PRO A 140 17.49 37.14 5.51
CA PRO A 140 18.89 36.88 5.13
C PRO A 140 19.94 37.03 6.22
N ASN A 141 19.83 38.02 7.09
CA ASN A 141 20.88 38.11 8.12
C ASN A 141 20.21 37.97 9.49
N ASP A 142 19.14 37.17 9.53
CA ASP A 142 18.30 37.05 10.72
C ASP A 142 17.79 35.63 11.02
N ILE A 143 18.70 34.75 11.45
CA ILE A 143 18.35 33.40 11.87
C ILE A 143 17.36 33.45 13.06
N PRO A 144 17.55 34.30 14.11
CA PRO A 144 16.55 34.31 15.20
C PRO A 144 15.14 34.66 14.73
N GLY A 145 15.02 35.61 13.79
CA GLY A 145 13.74 36.00 13.21
C GLY A 145 13.09 34.84 12.46
N PHE A 146 13.90 34.11 11.66
CA PHE A 146 13.44 32.94 10.91
C PHE A 146 12.94 31.86 11.89
N LEU A 147 13.77 31.50 12.87
CA LEU A 147 13.40 30.48 13.86
C LEU A 147 12.13 30.84 14.64
N SER A 148 11.98 32.13 15.01
CA SER A 148 10.79 32.61 15.73
C SER A 148 9.55 32.47 14.85
N TRP A 149 9.64 32.92 13.58
CA TRP A 149 8.50 32.84 12.64
C TRP A 149 8.10 31.36 12.42
N MET A 150 9.10 30.48 12.25
CA MET A 150 8.88 29.04 12.03
C MET A 150 8.15 28.40 13.22
N LYS A 151 8.63 28.67 14.46
CA LYS A 151 8.02 28.14 15.69
C LYS A 151 6.53 28.54 15.79
N LYS A 152 6.23 29.79 15.45
CA LYS A 152 4.89 30.38 15.52
C LYS A 152 3.95 29.91 14.42
N ASN A 153 4.45 29.80 13.17
CA ASN A 153 3.61 29.51 12.02
C ASN A 153 3.67 28.10 11.44
N VAL A 154 4.73 27.34 11.72
CA VAL A 154 4.90 26.02 11.10
C VAL A 154 5.01 24.88 12.11
N GLY A 155 5.89 25.05 13.10
CA GLY A 155 6.21 24.06 14.10
C GLY A 155 7.70 23.75 13.99
N PRO A 156 8.15 22.49 14.26
CA PRO A 156 9.59 22.19 14.10
C PRO A 156 10.08 22.53 12.68
N VAL A 157 11.32 23.03 12.57
CA VAL A 157 11.88 23.43 11.28
C VAL A 157 12.09 22.19 10.39
N PRO A 158 11.40 22.11 9.23
CA PRO A 158 11.62 20.97 8.32
C PRO A 158 13.08 20.92 7.88
N GLY A 159 13.67 19.74 7.95
CA GLY A 159 15.07 19.53 7.57
C GLY A 159 16.04 19.61 8.74
N ILE A 160 15.52 19.93 9.94
CA ILE A 160 16.30 20.01 11.19
C ILE A 160 15.83 18.91 12.14
N GLY A 161 16.78 18.18 12.71
CA GLY A 161 16.48 17.17 13.72
C GLY A 161 16.52 15.75 13.22
N HIS A 162 16.92 14.84 14.11
CA HIS A 162 16.92 13.41 13.80
C HIS A 162 16.75 12.63 15.08
N ARG A 163 16.12 11.45 14.97
CA ARG A 163 15.86 10.55 16.10
C ARG A 163 17.17 10.02 16.73
N VAL A 164 18.18 9.72 15.92
CA VAL A 164 19.44 9.09 16.39
C VAL A 164 20.70 9.80 15.89
N LYS A 165 20.67 10.38 14.70
CA LYS A 165 21.85 11.10 14.16
C LYS A 165 22.00 12.43 14.91
N SER A 166 23.25 12.84 15.17
CA SER A 166 23.54 13.99 16.02
C SER A 166 24.94 14.54 15.76
N VAL A 167 25.36 15.52 16.57
CA VAL A 167 26.73 16.05 16.50
C VAL A 167 27.73 14.89 16.78
N LYS A 168 27.42 14.06 17.79
CA LYS A 168 28.28 12.92 18.17
C LYS A 168 28.26 11.78 17.14
N ASN A 169 27.09 11.55 16.52
CA ASN A 169 26.88 10.48 15.53
C ASN A 169 26.38 11.12 14.22
N PRO A 170 27.28 11.74 13.44
CA PRO A 170 26.82 12.44 12.22
C PRO A 170 26.21 11.56 11.14
N ASP A 171 25.38 12.19 10.29
CA ASP A 171 24.80 11.51 9.14
C ASP A 171 25.82 11.68 8.03
N GLN A 172 26.57 10.60 7.71
CA GLN A 172 27.57 10.63 6.65
C GLN A 172 26.95 10.94 5.27
N ARG A 173 25.65 10.65 5.07
CA ARG A 173 24.99 11.02 3.79
C ARG A 173 25.02 12.57 3.63
N VAL A 174 24.71 13.30 4.72
CA VAL A 174 24.72 14.77 4.74
C VAL A 174 26.14 15.27 4.60
N LYS A 175 27.05 14.80 5.47
CA LYS A 175 28.45 15.24 5.43
C LYS A 175 29.08 15.05 4.05
N TYR A 176 28.78 13.92 3.40
CA TYR A 176 29.31 13.69 2.06
C TYR A 176 28.72 14.67 1.02
N LEU A 177 27.37 14.77 0.93
CA LEU A 177 26.75 15.66 -0.05
C LEU A 177 27.21 17.11 0.10
N VAL A 178 27.30 17.60 1.35
CA VAL A 178 27.74 18.97 1.64
C VAL A 178 29.19 19.16 1.18
N SER A 179 30.08 18.23 1.59
CA SER A 179 31.49 18.28 1.21
C SER A 179 31.67 18.21 -0.32
N TYR A 180 30.91 17.34 -0.99
CA TYR A 180 31.04 17.23 -2.44
C TYR A 180 30.62 18.55 -3.13
N ILE A 181 29.44 19.08 -2.80
CA ILE A 181 28.98 20.29 -3.48
C ILE A 181 29.91 21.50 -3.17
N LYS A 182 30.49 21.57 -1.96
CA LYS A 182 31.37 22.68 -1.59
C LYS A 182 32.79 22.56 -2.18
N ASN A 183 33.36 21.34 -2.23
CA ASN A 183 34.75 21.12 -2.69
C ASN A 183 34.91 20.63 -4.13
N GLU A 184 33.85 20.07 -4.73
CA GLU A 184 33.97 19.50 -6.08
C GLU A 184 33.11 20.20 -7.13
N THR A 185 32.39 21.26 -6.74
CA THR A 185 31.58 22.03 -7.69
C THR A 185 31.78 23.52 -7.39
N SER A 186 31.34 24.38 -8.30
CA SER A 186 31.36 25.86 -8.13
C SER A 186 29.92 26.35 -7.98
N LEU A 187 29.02 25.43 -7.64
CA LEU A 187 27.59 25.80 -7.55
C LEU A 187 27.36 26.76 -6.38
N HIS A 188 26.62 27.83 -6.64
CA HIS A 188 26.24 28.80 -5.57
C HIS A 188 25.09 28.16 -4.78
N THR A 189 25.23 28.01 -3.48
CA THR A 189 24.17 27.28 -2.71
C THR A 189 23.63 28.13 -1.57
N PRO A 190 22.86 29.20 -1.83
CA PRO A 190 22.38 30.05 -0.71
C PRO A 190 21.44 29.35 0.26
N CYS A 191 20.52 28.48 -0.23
CA CYS A 191 19.62 27.77 0.71
C CYS A 191 20.40 26.82 1.61
N LEU A 192 21.30 26.03 1.01
CA LEU A 192 22.13 25.09 1.76
C LEU A 192 23.00 25.86 2.76
N ASP A 193 23.61 26.98 2.31
CA ASP A 193 24.46 27.79 3.19
C ASP A 193 23.68 28.27 4.42
N TYR A 194 22.43 28.74 4.21
CA TYR A 194 21.54 29.21 5.28
C TYR A 194 21.23 28.06 6.25
N ALA A 195 20.85 26.88 5.70
CA ALA A 195 20.55 25.70 6.51
C ALA A 195 21.76 25.31 7.38
N LEU A 196 22.98 25.41 6.81
CA LEU A 196 24.20 25.07 7.56
C LEU A 196 24.45 26.07 8.71
N GLU A 197 24.11 27.34 8.48
CA GLU A 197 24.23 28.37 9.52
C GLU A 197 23.20 28.10 10.62
N VAL A 198 21.96 27.72 10.24
CA VAL A 198 20.90 27.35 11.19
C VAL A 198 21.37 26.16 12.05
N GLU A 199 21.97 25.14 11.40
CA GLU A 199 22.48 23.94 12.08
C GLU A 199 23.50 24.32 13.17
N LYS A 200 24.37 25.31 12.89
CA LYS A 200 25.37 25.77 13.89
C LYS A 200 24.67 26.27 15.17
N VAL A 201 23.50 26.92 15.00
CA VAL A 201 22.70 27.45 16.12
C VAL A 201 21.94 26.32 16.82
N THR A 202 21.15 25.55 16.06
CA THR A 202 20.28 24.51 16.62
C THR A 202 21.07 23.41 17.34
N THR A 203 22.21 22.95 16.77
CA THR A 203 23.04 21.91 17.42
C THR A 203 23.68 22.42 18.71
N ALA A 204 23.87 23.77 18.84
CA ALA A 204 24.40 24.35 20.09
C ALA A 204 23.30 24.27 21.18
N LYS A 205 22.01 24.30 20.78
CA LYS A 205 20.87 24.18 21.69
C LYS A 205 20.72 22.70 22.12
N LYS A 206 20.72 21.77 21.14
CA LYS A 206 20.59 20.33 21.40
C LYS A 206 21.29 19.55 20.28
N GLY A 207 22.14 18.60 20.68
CA GLY A 207 22.94 17.75 19.79
C GLY A 207 22.22 17.03 18.68
N ASN A 208 20.93 16.73 18.85
CA ASN A 208 20.17 16.01 17.82
C ASN A 208 19.56 16.95 16.77
N LEU A 209 19.71 18.29 16.94
CA LEU A 209 19.10 19.24 15.99
C LEU A 209 20.00 19.50 14.75
N ILE A 210 20.41 18.42 14.12
CA ILE A 210 21.29 18.50 12.94
C ILE A 210 20.53 18.88 11.70
N LEU A 211 21.27 19.25 10.65
CA LEU A 211 20.69 19.39 9.32
C LEU A 211 20.56 17.93 8.82
N ASN A 212 19.31 17.47 8.65
CA ASN A 212 19.09 16.08 8.25
C ASN A 212 19.16 15.92 6.72
N VAL A 213 19.08 14.66 6.22
CA VAL A 213 19.22 14.42 4.79
C VAL A 213 18.10 15.07 3.97
N ASP A 214 16.86 15.16 4.51
CA ASP A 214 15.76 15.83 3.78
C ASP A 214 16.05 17.32 3.61
N GLY A 215 16.54 17.96 4.68
CA GLY A 215 16.89 19.38 4.64
C GLY A 215 18.01 19.63 3.66
N THR A 216 19.03 18.76 3.69
CA THR A 216 20.19 18.87 2.80
C THR A 216 19.76 18.80 1.35
N ILE A 217 19.06 17.71 0.98
CA ILE A 217 18.60 17.50 -0.41
C ILE A 217 17.63 18.61 -0.85
N GLY A 218 16.66 18.95 0.01
CA GLY A 218 15.71 20.01 -0.29
C GLY A 218 16.39 21.33 -0.62
N CYS A 219 17.39 21.72 0.19
CA CYS A 219 18.14 22.95 -0.05
C CYS A 219 18.93 22.88 -1.36
N ILE A 220 19.65 21.77 -1.56
CA ILE A 220 20.43 21.58 -2.79
C ILE A 220 19.55 21.69 -4.03
N LEU A 221 18.37 21.02 -4.01
CA LEU A 221 17.45 21.06 -5.17
C LEU A 221 16.97 22.47 -5.48
N MET A 222 16.68 23.25 -4.43
CA MET A 222 16.29 24.66 -4.57
C MET A 222 17.45 25.45 -5.17
N ASP A 223 18.67 25.17 -4.71
CA ASP A 223 19.87 25.83 -5.18
C ASP A 223 20.21 25.45 -6.63
N LEU A 224 19.74 24.27 -7.08
CA LEU A 224 19.87 23.81 -8.49
C LEU A 224 18.76 24.41 -9.38
N ASP A 225 17.84 25.23 -8.80
CA ASP A 225 16.72 25.85 -9.52
C ASP A 225 15.72 24.83 -10.07
N PHE A 226 15.56 23.66 -9.40
CA PHE A 226 14.55 22.68 -9.80
C PHE A 226 13.20 23.23 -9.38
N PRO A 227 12.13 23.08 -10.21
CA PRO A 227 10.82 23.63 -9.83
C PRO A 227 10.28 22.98 -8.57
N VAL A 228 9.60 23.80 -7.73
CA VAL A 228 9.00 23.37 -6.46
C VAL A 228 8.19 22.05 -6.62
N HIS A 229 7.47 21.90 -7.76
CA HIS A 229 6.64 20.75 -8.11
C HIS A 229 7.47 19.47 -8.24
N SER A 230 8.75 19.61 -8.67
CA SER A 230 9.62 18.46 -8.90
C SER A 230 10.33 17.89 -7.67
N LEU A 231 10.50 18.69 -6.59
CA LEU A 231 11.33 18.29 -5.46
C LEU A 231 11.08 16.87 -4.94
N ASN A 232 9.80 16.45 -4.79
CA ASN A 232 9.50 15.09 -4.31
C ASN A 232 9.93 13.96 -5.26
N GLY A 233 10.14 14.28 -6.55
CA GLY A 233 10.54 13.28 -7.53
C GLY A 233 11.78 12.51 -7.12
N PHE A 234 12.77 13.22 -6.52
CA PHE A 234 14.04 12.62 -6.15
C PHE A 234 13.88 11.50 -5.11
N PHE A 235 13.10 11.74 -4.05
CA PHE A 235 12.84 10.72 -3.03
C PHE A 235 12.01 9.58 -3.61
N VAL A 236 10.95 9.91 -4.37
CA VAL A 236 10.08 8.91 -5.00
C VAL A 236 10.91 7.95 -5.88
N LEU A 237 11.72 8.52 -6.81
CA LEU A 237 12.54 7.71 -7.70
C LEU A 237 13.61 6.89 -6.95
N ALA A 238 14.39 7.56 -6.11
CA ALA A 238 15.47 6.91 -5.40
C ALA A 238 14.95 5.76 -4.54
N ARG A 239 13.90 6.01 -3.73
CA ARG A 239 13.36 4.97 -2.85
C ARG A 239 12.68 3.81 -3.62
N THR A 240 12.26 4.05 -4.89
CA THR A 240 11.73 2.97 -5.73
C THR A 240 12.87 1.93 -5.95
N ILE A 241 14.15 2.39 -6.05
CA ILE A 241 15.27 1.46 -6.24
C ILE A 241 15.30 0.50 -5.04
N GLY A 242 15.24 1.06 -3.83
CA GLY A 242 15.25 0.28 -2.60
C GLY A 242 14.02 -0.61 -2.43
N MET A 243 12.83 -0.09 -2.76
CA MET A 243 11.58 -0.87 -2.60
C MET A 243 11.56 -2.08 -3.55
N ILE A 244 12.04 -1.89 -4.80
CA ILE A 244 12.17 -3.00 -5.73
C ILE A 244 13.15 -4.04 -5.12
N GLY A 245 14.27 -3.57 -4.60
CA GLY A 245 15.24 -4.45 -3.95
C GLY A 245 14.63 -5.27 -2.82
N HIS A 246 13.85 -4.61 -1.94
CA HIS A 246 13.22 -5.30 -0.82
C HIS A 246 12.22 -6.34 -1.29
N TRP A 247 11.45 -6.01 -2.36
CA TRP A 247 10.49 -6.98 -2.91
C TRP A 247 11.25 -8.23 -3.42
N ILE A 248 12.34 -8.01 -4.20
CA ILE A 248 13.15 -9.11 -4.75
C ILE A 248 13.71 -9.97 -3.60
N ASP A 249 14.23 -9.31 -2.56
CA ASP A 249 14.85 -9.94 -1.40
C ASP A 249 13.86 -10.89 -0.70
N GLN A 250 12.65 -10.38 -0.39
CA GLN A 250 11.63 -11.19 0.27
C GLN A 250 11.22 -12.39 -0.61
N ASN A 251 11.13 -12.18 -1.93
CA ASN A 251 10.79 -13.27 -2.87
C ASN A 251 11.91 -14.31 -2.97
N ASN A 252 13.18 -13.87 -2.96
CA ASN A 252 14.34 -14.79 -2.98
C ASN A 252 14.33 -15.68 -1.75
N GLN A 253 13.95 -15.10 -0.59
CA GLN A 253 13.89 -15.84 0.69
C GLN A 253 12.64 -16.70 0.84
N ASN A 254 11.65 -16.56 -0.07
CA ASN A 254 10.35 -17.24 0.01
C ASN A 254 9.71 -16.91 1.37
N SER A 255 9.79 -15.62 1.76
CA SER A 255 9.27 -15.14 3.04
C SER A 255 7.80 -15.42 3.20
N ARG A 256 7.43 -15.71 4.44
CA ARG A 256 6.07 -16.05 4.81
C ARG A 256 5.25 -14.79 5.04
N LEU A 257 3.92 -14.93 5.03
CA LEU A 257 2.98 -13.85 5.32
C LEU A 257 3.32 -13.20 6.68
N ILE A 258 3.33 -11.88 6.73
CA ILE A 258 3.60 -11.19 8.00
C ILE A 258 2.28 -11.04 8.75
N ARG A 259 2.32 -11.35 10.05
CA ARG A 259 1.22 -11.11 10.98
C ARG A 259 1.83 -10.40 12.18
N LEU A 260 1.33 -9.19 12.50
CA LEU A 260 1.85 -8.44 13.65
C LEU A 260 1.55 -9.22 14.92
N TYR A 261 2.59 -9.57 15.71
CA TYR A 261 2.46 -10.33 16.95
C TYR A 261 1.48 -9.63 17.89
N ASP A 262 0.65 -10.44 18.56
CA ASP A 262 -0.39 -9.94 19.47
C ASP A 262 0.13 -8.92 20.50
N TYR A 263 1.31 -9.17 21.12
CA TYR A 263 1.85 -8.27 22.14
C TYR A 263 2.24 -6.88 21.58
N LEU A 264 2.39 -6.75 20.25
CA LEU A 264 2.71 -5.48 19.61
C LEU A 264 1.44 -4.63 19.37
N ILE A 265 0.27 -5.16 19.74
CA ILE A 265 -0.98 -4.43 19.55
C ILE A 265 -1.61 -4.13 20.89
N ASN A 266 -1.97 -2.86 21.10
CA ASN A 266 -2.71 -2.48 22.29
C ASN A 266 -4.17 -2.43 21.87
N TYR A 267 -4.96 -3.43 22.30
CA TYR A 267 -6.40 -3.47 22.00
C TYR A 267 -7.13 -2.63 23.04
N ALA A 268 -7.22 -1.31 22.82
CA ALA A 268 -7.93 -0.37 23.71
C ALA A 268 -9.38 -0.27 23.18
N VAL A 269 -10.05 -1.43 23.17
CA VAL A 269 -11.37 -1.61 22.58
C VAL A 269 -12.50 -1.35 23.57
N LYS A 270 -13.70 -1.16 23.05
CA LYS A 270 -14.87 -0.92 23.89
C LYS A 270 -15.26 -2.15 24.69
N PRO A 271 -15.89 -1.97 25.87
CA PRO A 271 -16.37 -3.15 26.62
C PRO A 271 -17.35 -3.95 25.77
N GLU A 272 -17.29 -5.29 25.87
CA GLU A 272 -18.18 -6.16 25.12
C GLU A 272 -19.62 -5.97 25.58
N GLN A 273 -20.54 -5.77 24.63
CA GLN A 273 -21.96 -5.56 24.96
C GLN A 273 -22.85 -6.39 24.08
N GLU A 274 -24.05 -6.69 24.59
CA GLU A 274 -25.09 -7.39 23.82
C GLU A 274 -25.65 -6.38 22.83
N VAL A 275 -26.05 -6.89 21.66
CA VAL A 275 -26.65 -6.06 20.61
C VAL A 275 -28.12 -5.80 21.03
N PRO A 276 -28.57 -4.53 21.07
CA PRO A 276 -29.97 -4.27 21.45
C PRO A 276 -30.95 -4.66 20.33
N GLU A 277 -32.17 -5.05 20.71
CA GLU A 277 -33.20 -5.37 19.73
C GLU A 277 -33.59 -4.07 18.99
N LYS A 278 -33.93 -4.17 17.71
CA LYS A 278 -34.36 -3.02 16.90
C LYS A 278 -35.72 -2.49 17.39
N GLU B 23 -15.07 5.80 -33.20
CA GLU B 23 -14.65 4.56 -32.56
C GLU B 23 -14.51 4.78 -31.04
N PRO B 24 -15.43 4.24 -30.25
CA PRO B 24 -15.34 4.43 -28.78
C PRO B 24 -14.08 3.79 -28.20
N LEU B 25 -13.52 4.42 -27.16
CA LEU B 25 -12.34 3.96 -26.46
C LEU B 25 -12.73 2.82 -25.49
N ILE B 26 -13.91 2.91 -24.87
CA ILE B 26 -14.38 1.89 -23.92
C ILE B 26 -15.83 1.48 -24.16
N ARG B 27 -16.18 0.27 -23.73
CA ARG B 27 -17.54 -0.27 -23.83
C ARG B 27 -17.93 -0.64 -22.41
N THR B 28 -19.10 -0.16 -21.98
CA THR B 28 -19.58 -0.40 -20.63
C THR B 28 -20.97 -0.99 -20.69
N THR B 29 -21.31 -1.88 -19.74
CA THR B 29 -22.65 -2.52 -19.76
C THR B 29 -23.44 -2.44 -18.45
N ILE B 30 -22.81 -1.95 -17.35
CA ILE B 30 -23.44 -2.04 -16.03
C ILE B 30 -24.13 -0.79 -15.50
N SER B 31 -23.70 0.41 -15.95
CA SER B 31 -24.16 1.64 -15.32
C SER B 31 -24.33 2.77 -16.34
N ASP B 32 -25.44 3.50 -16.27
CA ASP B 32 -25.68 4.61 -17.20
C ASP B 32 -25.95 5.85 -16.38
N ASP B 33 -25.05 6.81 -16.44
CA ASP B 33 -25.12 8.07 -15.70
C ASP B 33 -25.75 9.24 -16.49
N ARG B 34 -26.09 9.00 -17.76
CA ARG B 34 -26.55 10.08 -18.66
C ARG B 34 -27.90 10.72 -18.31
N GLY B 35 -28.75 10.05 -17.54
CA GLY B 35 -30.06 10.60 -17.18
C GLY B 35 -30.04 11.50 -15.95
N GLU B 36 -31.21 11.67 -15.31
CA GLU B 36 -31.34 12.51 -14.11
C GLU B 36 -30.64 11.87 -12.91
N GLU B 37 -30.42 10.55 -12.98
CA GLU B 37 -29.67 9.79 -11.97
C GLU B 37 -29.15 8.49 -12.62
N PRO B 38 -28.15 7.83 -11.99
CA PRO B 38 -27.63 6.61 -12.59
C PRO B 38 -28.61 5.45 -12.61
N ARG B 39 -28.49 4.63 -13.64
CA ARG B 39 -29.23 3.37 -13.78
C ARG B 39 -28.21 2.26 -13.59
N TYR B 40 -28.45 1.35 -12.63
CA TYR B 40 -27.57 0.20 -12.33
C TYR B 40 -28.25 -1.04 -12.92
N ALA B 41 -27.65 -1.63 -13.95
CA ALA B 41 -28.23 -2.78 -14.65
C ALA B 41 -29.71 -2.52 -15.04
N GLY B 42 -29.96 -1.28 -15.49
CA GLY B 42 -31.28 -0.82 -15.95
C GLY B 42 -32.23 -0.21 -14.94
N TYR B 43 -31.91 -0.31 -13.62
CA TYR B 43 -32.76 0.21 -12.54
C TYR B 43 -32.27 1.56 -12.01
N ALA B 44 -33.21 2.50 -11.83
CA ALA B 44 -32.87 3.83 -11.28
C ALA B 44 -32.49 3.71 -9.79
N ALA B 45 -31.33 4.29 -9.41
CA ALA B 45 -30.82 4.23 -8.02
C ALA B 45 -31.88 4.64 -6.99
N SER B 46 -32.57 5.79 -7.21
CA SER B 46 -33.56 6.26 -6.21
C SER B 46 -34.77 5.35 -6.12
N GLU B 47 -35.12 4.68 -7.23
CA GLU B 47 -36.24 3.76 -7.27
C GLU B 47 -35.90 2.49 -6.43
N LEU B 48 -34.63 2.05 -6.45
CA LEU B 48 -34.18 0.93 -5.62
C LEU B 48 -34.33 1.32 -4.14
N CYS B 49 -33.89 2.57 -3.80
CA CYS B 49 -34.04 3.10 -2.44
C CYS B 49 -35.50 3.15 -2.02
N SER B 50 -36.34 3.76 -2.86
N SER B 50 -36.36 3.78 -2.84
CA SER B 50 -37.76 3.97 -2.58
CA SER B 50 -37.78 3.99 -2.52
C SER B 50 -38.50 2.67 -2.29
C SER B 50 -38.60 2.69 -2.37
N LYS B 51 -38.19 1.60 -3.06
CA LYS B 51 -38.87 0.30 -2.94
C LYS B 51 -38.28 -0.62 -1.84
N GLY B 52 -37.36 -0.07 -1.03
CA GLY B 52 -36.82 -0.75 0.15
C GLY B 52 -35.63 -1.67 -0.07
N TYR B 53 -34.96 -1.56 -1.23
CA TYR B 53 -33.76 -2.36 -1.51
C TYR B 53 -32.56 -1.78 -0.75
N GLY B 54 -31.48 -2.56 -0.63
CA GLY B 54 -30.30 -2.15 0.14
C GLY B 54 -29.01 -2.14 -0.63
N ILE B 55 -27.93 -1.89 0.12
CA ILE B 55 -26.57 -1.87 -0.44
C ILE B 55 -26.27 -3.23 -1.13
N GLU B 56 -26.65 -4.34 -0.45
CA GLU B 56 -26.46 -5.72 -0.95
C GLU B 56 -27.12 -5.92 -2.32
N ASP B 57 -28.26 -5.23 -2.56
CA ASP B 57 -28.97 -5.31 -3.84
C ASP B 57 -28.23 -4.57 -4.93
N VAL B 58 -27.68 -3.38 -4.60
CA VAL B 58 -26.86 -2.61 -5.54
C VAL B 58 -25.58 -3.41 -5.89
N ILE B 59 -25.00 -4.14 -4.91
CA ILE B 59 -23.84 -5.01 -5.16
C ILE B 59 -24.21 -6.07 -6.25
N GLY B 60 -25.35 -6.77 -6.08
CA GLY B 60 -25.80 -7.76 -7.03
C GLY B 60 -25.99 -7.17 -8.42
N LEU B 61 -26.57 -5.95 -8.49
CA LEU B 61 -26.80 -5.27 -9.76
C LEU B 61 -25.52 -4.87 -10.47
N LEU B 62 -24.60 -4.24 -9.75
CA LEU B 62 -23.38 -3.75 -10.38
C LEU B 62 -22.34 -4.83 -10.66
N TRP B 63 -22.38 -5.93 -9.92
CA TRP B 63 -21.37 -6.99 -10.11
C TRP B 63 -21.88 -8.17 -10.91
N ASN B 64 -23.21 -8.36 -10.96
CA ASN B 64 -23.77 -9.52 -11.61
C ASN B 64 -24.95 -9.21 -12.52
N LYS B 65 -25.31 -7.92 -12.66
CA LYS B 65 -26.39 -7.40 -13.50
C LYS B 65 -27.73 -8.11 -13.24
N LYS B 66 -27.96 -8.47 -11.99
CA LYS B 66 -29.16 -9.20 -11.59
C LYS B 66 -29.56 -8.76 -10.20
N LEU B 67 -30.85 -8.47 -10.02
CA LEU B 67 -31.36 -8.13 -8.71
C LEU B 67 -31.39 -9.44 -7.85
N PRO B 68 -30.72 -9.52 -6.68
CA PRO B 68 -30.79 -10.77 -5.88
C PRO B 68 -32.22 -11.04 -5.42
N THR B 69 -32.53 -12.31 -5.17
CA THR B 69 -33.83 -12.67 -4.58
C THR B 69 -33.76 -12.25 -3.10
N ARG B 70 -34.89 -12.29 -2.37
N ARG B 70 -34.89 -12.28 -2.37
CA ARG B 70 -34.96 -11.91 -0.95
CA ARG B 70 -34.93 -11.87 -0.96
C ARG B 70 -33.94 -12.68 -0.12
C ARG B 70 -33.92 -12.68 -0.11
N GLU B 71 -33.87 -14.00 -0.32
CA GLU B 71 -32.97 -14.85 0.44
C GLU B 71 -31.50 -14.63 0.05
N GLU B 72 -31.21 -14.46 -1.26
CA GLU B 72 -29.84 -14.15 -1.70
C GLU B 72 -29.35 -12.83 -1.11
N SER B 73 -30.23 -11.82 -1.11
CA SER B 73 -29.96 -10.49 -0.54
C SER B 73 -29.55 -10.61 0.95
N GLU B 74 -30.31 -11.42 1.74
CA GLU B 74 -30.02 -11.64 3.18
C GLU B 74 -28.62 -12.27 3.36
N ILE B 75 -28.23 -13.17 2.45
CA ILE B 75 -26.92 -13.82 2.50
C ILE B 75 -25.80 -12.83 2.15
N ILE B 76 -25.96 -12.08 1.04
CA ILE B 76 -24.96 -11.08 0.63
C ILE B 76 -24.70 -10.08 1.77
N LYS B 77 -25.78 -9.59 2.39
CA LYS B 77 -25.69 -8.65 3.51
C LYS B 77 -24.83 -9.25 4.62
N ARG B 78 -25.12 -10.50 5.01
CA ARG B 78 -24.39 -11.18 6.09
C ARG B 78 -22.94 -11.44 5.74
N ILE B 79 -22.64 -11.83 4.48
CA ILE B 79 -21.24 -12.06 4.06
C ILE B 79 -20.46 -10.76 4.28
N VAL B 80 -21.01 -9.62 3.82
CA VAL B 80 -20.31 -8.32 3.97
C VAL B 80 -20.11 -7.94 5.45
N MET B 81 -21.18 -8.05 6.25
CA MET B 81 -21.12 -7.70 7.69
C MET B 81 -20.09 -8.55 8.44
N ILE B 82 -20.10 -9.87 8.18
CA ILE B 82 -19.19 -10.82 8.87
C ILE B 82 -17.72 -10.61 8.47
N SER B 83 -17.46 -10.14 7.27
N SER B 83 -17.46 -10.14 7.23
CA SER B 83 -16.08 -10.00 6.81
CA SER B 83 -16.11 -9.96 6.68
C SER B 83 -15.57 -8.54 6.77
C SER B 83 -15.59 -8.51 6.74
N ALA B 84 -16.34 -7.58 7.35
CA ALA B 84 -15.99 -6.15 7.37
C ALA B 84 -14.60 -5.85 7.97
N ASP B 85 -14.21 -6.61 8.99
CA ASP B 85 -12.90 -6.40 9.59
C ASP B 85 -12.45 -7.61 10.40
N HIS B 86 -11.13 -7.80 10.54
CA HIS B 86 -10.63 -8.87 11.39
C HIS B 86 -9.41 -8.40 12.18
N GLY B 87 -9.50 -7.19 12.69
CA GLY B 87 -8.44 -6.66 13.55
C GLY B 87 -7.33 -5.96 12.80
N PRO B 88 -6.43 -5.34 13.54
CA PRO B 88 -5.37 -4.54 12.89
C PRO B 88 -4.10 -5.30 12.52
N ALA B 89 -3.99 -6.59 12.88
CA ALA B 89 -2.75 -7.36 12.65
C ALA B 89 -2.58 -7.88 11.25
N VAL B 90 -3.70 -8.03 10.52
CA VAL B 90 -3.73 -8.60 9.17
C VAL B 90 -3.32 -7.56 8.13
N SER B 91 -2.83 -8.04 6.97
CA SER B 91 -2.18 -7.21 5.96
C SER B 91 -2.94 -5.94 5.50
N GLY B 92 -4.23 -6.07 5.18
CA GLY B 92 -5.01 -4.93 4.67
C GLY B 92 -5.15 -3.83 5.71
N ALA B 93 -5.67 -4.20 6.90
CA ALA B 93 -5.82 -3.22 7.98
C ALA B 93 -4.45 -2.66 8.38
N PHE B 94 -3.40 -3.51 8.47
CA PHE B 94 -2.08 -3.02 8.87
C PHE B 94 -1.50 -2.03 7.82
N GLY B 95 -1.66 -2.32 6.54
CA GLY B 95 -1.23 -1.44 5.45
C GLY B 95 -1.92 -0.07 5.56
N SER B 96 -3.23 -0.06 5.80
N SER B 96 -3.23 -0.06 5.79
CA SER B 96 -4.03 1.16 5.98
CA SER B 96 -4.00 1.17 5.96
C SER B 96 -3.55 1.96 7.21
C SER B 96 -3.55 1.97 7.22
N ILE B 97 -3.21 1.24 8.31
CA ILE B 97 -2.70 1.84 9.56
C ILE B 97 -1.31 2.48 9.34
N LEU B 98 -0.43 1.76 8.64
CA LEU B 98 0.91 2.24 8.33
C LEU B 98 0.80 3.57 7.54
N ALA B 99 -0.06 3.61 6.51
CA ALA B 99 -0.26 4.82 5.73
C ALA B 99 -0.91 5.93 6.58
N ALA B 100 -1.91 5.59 7.42
CA ALA B 100 -2.55 6.58 8.30
C ALA B 100 -1.50 7.23 9.22
N CYS B 101 -0.61 6.39 9.81
CA CYS B 101 0.43 6.88 10.72
C CYS B 101 1.53 7.66 10.00
N ALA B 102 1.66 7.49 8.68
CA ALA B 102 2.61 8.27 7.86
C ALA B 102 1.95 9.59 7.38
N GLY B 103 0.69 9.84 7.78
CA GLY B 103 -0.01 11.09 7.47
C GLY B 103 -0.64 11.11 6.10
N ILE B 104 -0.85 9.91 5.50
CA ILE B 104 -1.48 9.78 4.18
C ILE B 104 -2.99 9.93 4.31
N ASP B 105 -3.60 10.59 3.31
CA ASP B 105 -5.06 10.79 3.28
C ASP B 105 -5.79 9.44 3.17
N MET B 106 -7.05 9.41 3.62
CA MET B 106 -7.85 8.18 3.68
C MET B 106 -7.89 7.36 2.37
N PRO B 107 -8.31 7.91 1.19
CA PRO B 107 -8.44 7.04 0.02
C PRO B 107 -7.13 6.37 -0.38
N GLN B 108 -6.03 7.14 -0.30
CA GLN B 108 -4.71 6.60 -0.66
C GLN B 108 -4.23 5.57 0.36
N ALA B 109 -4.48 5.82 1.66
CA ALA B 109 -4.15 4.85 2.71
C ALA B 109 -4.91 3.53 2.52
N VAL B 110 -6.22 3.62 2.28
CA VAL B 110 -7.06 2.44 2.05
C VAL B 110 -6.61 1.72 0.75
N SER B 111 -6.19 2.48 -0.28
CA SER B 111 -5.70 1.86 -1.52
C SER B 111 -4.43 1.00 -1.26
N ALA B 112 -3.53 1.46 -0.34
CA ALA B 112 -2.34 0.71 0.05
C ALA B 112 -2.74 -0.63 0.74
N GLY B 113 -3.72 -0.58 1.64
CA GLY B 113 -4.20 -1.79 2.31
C GLY B 113 -4.89 -2.74 1.34
N MET B 114 -5.72 -2.18 0.44
CA MET B 114 -6.41 -2.97 -0.58
C MET B 114 -5.40 -3.70 -1.51
N THR B 115 -4.25 -3.05 -1.79
CA THR B 115 -3.19 -3.64 -2.61
C THR B 115 -2.68 -4.99 -2.03
N MET B 116 -2.86 -5.20 -0.72
CA MET B 116 -2.43 -6.44 -0.05
C MET B 116 -3.29 -7.66 -0.40
N ILE B 117 -4.51 -7.43 -0.97
CA ILE B 117 -5.45 -8.50 -1.25
C ILE B 117 -4.96 -9.32 -2.43
N GLY B 118 -4.75 -10.59 -2.16
CA GLY B 118 -4.18 -11.49 -3.14
C GLY B 118 -4.11 -12.91 -2.63
N PRO B 119 -3.07 -13.68 -2.99
CA PRO B 119 -3.09 -15.13 -2.66
C PRO B 119 -3.06 -15.47 -1.18
N ARG B 120 -2.43 -14.63 -0.36
CA ARG B 120 -2.30 -14.91 1.08
C ARG B 120 -3.25 -14.13 1.96
N PHE B 121 -3.89 -13.11 1.40
CA PHE B 121 -4.82 -12.28 2.15
C PHE B 121 -6.08 -12.13 1.31
N GLY B 122 -7.08 -12.95 1.63
CA GLY B 122 -8.39 -12.92 0.95
C GLY B 122 -8.55 -13.79 -0.30
N GLY B 123 -7.48 -13.98 -1.06
CA GLY B 123 -7.50 -14.72 -2.33
C GLY B 123 -8.02 -16.15 -2.32
N ALA B 124 -7.86 -16.87 -1.19
CA ALA B 124 -8.31 -18.26 -1.03
C ALA B 124 -9.83 -18.41 -1.23
N VAL B 125 -10.60 -17.30 -1.10
CA VAL B 125 -12.05 -17.33 -1.34
C VAL B 125 -12.30 -17.88 -2.76
N THR B 126 -11.57 -17.33 -3.76
CA THR B 126 -11.71 -17.73 -5.16
C THR B 126 -11.26 -19.17 -5.37
N ASN B 127 -10.07 -19.53 -4.86
CA ASN B 127 -9.56 -20.90 -5.01
C ASN B 127 -10.47 -21.94 -4.36
N ALA B 128 -11.02 -21.64 -3.17
CA ALA B 128 -11.94 -22.56 -2.48
C ALA B 128 -13.22 -22.73 -3.32
N GLY B 129 -13.77 -21.62 -3.82
CA GLY B 129 -14.93 -21.68 -4.70
C GLY B 129 -14.67 -22.55 -5.91
N LYS B 130 -13.51 -22.35 -6.57
CA LYS B 130 -13.11 -23.10 -7.77
C LYS B 130 -13.00 -24.61 -7.49
N TYR B 131 -12.24 -24.99 -6.44
CA TYR B 131 -11.99 -26.40 -6.17
C TYR B 131 -13.19 -27.13 -5.55
N PHE B 132 -14.04 -26.46 -4.74
CA PHE B 132 -15.24 -27.13 -4.23
C PHE B 132 -16.28 -27.30 -5.36
N LYS B 133 -16.31 -26.36 -6.31
CA LYS B 133 -17.19 -26.50 -7.49
C LYS B 133 -16.69 -27.72 -8.31
N MET B 134 -15.38 -27.85 -8.48
N MET B 134 -15.37 -27.86 -8.47
CA MET B 134 -14.78 -29.00 -9.18
CA MET B 134 -14.74 -29.00 -9.17
C MET B 134 -15.14 -30.30 -8.43
C MET B 134 -15.08 -30.31 -8.44
N ALA B 135 -15.08 -30.29 -7.09
CA ALA B 135 -15.43 -31.46 -6.25
C ALA B 135 -16.86 -31.93 -6.53
N VAL B 136 -17.81 -30.99 -6.56
CA VAL B 136 -19.23 -31.29 -6.83
C VAL B 136 -19.40 -31.88 -8.24
N GLU B 137 -18.70 -31.31 -9.23
CA GLU B 137 -18.80 -31.77 -10.63
C GLU B 137 -18.10 -33.08 -10.94
N ASP B 138 -16.87 -33.26 -10.43
CA ASP B 138 -15.99 -34.38 -10.76
C ASP B 138 -15.84 -35.49 -9.70
N TYR B 139 -16.13 -35.17 -8.43
CA TYR B 139 -16.02 -36.15 -7.33
C TYR B 139 -17.31 -36.15 -6.48
N PRO B 140 -18.53 -36.14 -7.08
CA PRO B 140 -19.74 -36.03 -6.25
C PRO B 140 -19.91 -37.07 -5.14
N ASN B 141 -19.55 -38.32 -5.40
CA ASN B 141 -19.75 -39.31 -4.33
C ASN B 141 -18.40 -39.87 -3.94
N ASP B 142 -17.35 -39.00 -4.01
CA ASP B 142 -15.99 -39.45 -3.79
C ASP B 142 -15.09 -38.43 -3.10
N ILE B 143 -15.33 -38.19 -1.81
CA ILE B 143 -14.45 -37.29 -1.03
C ILE B 143 -12.99 -37.82 -1.01
N PRO B 144 -12.73 -39.14 -0.78
CA PRO B 144 -11.33 -39.61 -0.78
C PRO B 144 -10.61 -39.32 -2.11
N GLY B 145 -11.31 -39.49 -3.24
CA GLY B 145 -10.77 -39.19 -4.57
C GLY B 145 -10.44 -37.71 -4.73
N PHE B 146 -11.35 -36.83 -4.25
CA PHE B 146 -11.14 -35.38 -4.29
C PHE B 146 -9.90 -35.01 -3.46
N LEU B 147 -9.85 -35.48 -2.21
CA LEU B 147 -8.71 -35.20 -1.32
C LEU B 147 -7.39 -35.69 -1.89
N SER B 148 -7.37 -36.91 -2.49
N SER B 148 -7.39 -36.90 -2.49
CA SER B 148 -6.18 -37.47 -3.12
CA SER B 148 -6.20 -37.47 -3.11
C SER B 148 -5.73 -36.62 -4.30
C SER B 148 -5.73 -36.60 -4.29
N TRP B 149 -6.67 -36.19 -5.17
CA TRP B 149 -6.35 -35.33 -6.34
C TRP B 149 -5.80 -33.97 -5.87
N MET B 150 -6.43 -33.38 -4.84
CA MET B 150 -6.00 -32.09 -4.29
C MET B 150 -4.58 -32.16 -3.72
N LYS B 151 -4.28 -33.19 -2.91
CA LYS B 151 -2.94 -33.39 -2.30
C LYS B 151 -1.85 -33.48 -3.40
N LYS B 152 -2.16 -34.20 -4.48
CA LYS B 152 -1.25 -34.45 -5.59
C LYS B 152 -1.06 -33.23 -6.50
N ASN B 153 -2.15 -32.51 -6.81
CA ASN B 153 -2.12 -31.42 -7.80
C ASN B 153 -2.12 -29.99 -7.27
N VAL B 154 -2.58 -29.77 -6.02
CA VAL B 154 -2.69 -28.43 -5.43
C VAL B 154 -1.86 -28.29 -4.14
N GLY B 155 -1.95 -29.29 -3.27
CA GLY B 155 -1.33 -29.32 -1.95
C GLY B 155 -2.45 -29.17 -0.93
N PRO B 156 -2.30 -28.29 0.09
CA PRO B 156 -3.42 -28.08 1.06
C PRO B 156 -4.69 -27.61 0.35
N VAL B 157 -5.85 -28.09 0.80
CA VAL B 157 -7.12 -27.71 0.20
C VAL B 157 -7.46 -26.23 0.54
N PRO B 158 -7.61 -25.34 -0.46
CA PRO B 158 -8.00 -23.94 -0.15
C PRO B 158 -9.36 -23.92 0.58
N GLY B 159 -9.43 -23.12 1.64
CA GLY B 159 -10.63 -22.98 2.44
C GLY B 159 -10.66 -23.93 3.62
N ILE B 160 -9.61 -24.78 3.74
CA ILE B 160 -9.46 -25.71 4.85
C ILE B 160 -8.22 -25.29 5.65
N GLY B 161 -8.39 -25.21 6.98
CA GLY B 161 -7.30 -24.91 7.89
C GLY B 161 -7.28 -23.52 8.45
N HIS B 162 -6.81 -23.40 9.70
CA HIS B 162 -6.64 -22.09 10.33
C HIS B 162 -5.50 -22.17 11.34
N ARG B 163 -4.82 -21.03 11.54
CA ARG B 163 -3.70 -20.92 12.48
C ARG B 163 -4.12 -21.17 13.95
N VAL B 164 -5.32 -20.70 14.34
CA VAL B 164 -5.78 -20.79 15.74
C VAL B 164 -7.19 -21.37 15.89
N LYS B 165 -8.08 -21.14 14.91
CA LYS B 165 -9.45 -21.65 14.98
C LYS B 165 -9.43 -23.15 14.70
N SER B 166 -10.30 -23.90 15.38
CA SER B 166 -10.29 -25.36 15.33
C SER B 166 -11.64 -25.95 15.77
N VAL B 167 -11.74 -27.28 15.86
CA VAL B 167 -12.97 -27.90 16.40
C VAL B 167 -13.18 -27.44 17.85
N LYS B 168 -12.09 -27.37 18.64
CA LYS B 168 -12.18 -26.91 20.04
C LYS B 168 -12.48 -25.39 20.16
N ASN B 169 -11.90 -24.59 19.23
N ASN B 169 -11.92 -24.57 19.25
CA ASN B 169 -12.01 -23.12 19.17
CA ASN B 169 -12.14 -23.12 19.26
C ASN B 169 -12.70 -22.74 17.85
C ASN B 169 -12.71 -22.72 17.90
N PRO B 170 -14.05 -22.92 17.71
CA PRO B 170 -14.67 -22.65 16.39
C PRO B 170 -14.67 -21.20 15.94
N ASP B 171 -14.77 -21.04 14.60
CA ASP B 171 -14.90 -19.72 14.00
C ASP B 171 -16.39 -19.43 13.98
N GLN B 172 -16.86 -18.58 14.91
CA GLN B 172 -18.29 -18.22 14.99
C GLN B 172 -18.78 -17.53 13.69
N ARG B 173 -17.88 -16.91 12.92
CA ARG B 173 -18.29 -16.31 11.61
C ARG B 173 -18.79 -17.44 10.69
N VAL B 174 -18.06 -18.57 10.64
CA VAL B 174 -18.41 -19.73 9.83
C VAL B 174 -19.69 -20.37 10.37
N LYS B 175 -19.70 -20.68 11.67
CA LYS B 175 -20.86 -21.33 12.29
C LYS B 175 -22.14 -20.53 12.07
N TYR B 176 -22.05 -19.20 12.19
CA TYR B 176 -23.23 -18.38 11.97
C TYR B 176 -23.69 -18.41 10.49
N LEU B 177 -22.79 -18.13 9.53
CA LEU B 177 -23.16 -18.11 8.11
C LEU B 177 -23.79 -19.44 7.67
N VAL B 178 -23.18 -20.56 8.10
CA VAL B 178 -23.66 -21.91 7.75
C VAL B 178 -25.06 -22.12 8.34
N SER B 179 -25.23 -21.86 9.64
CA SER B 179 -26.50 -22.00 10.33
C SER B 179 -27.59 -21.12 9.70
N TYR B 180 -27.25 -19.87 9.37
CA TYR B 180 -28.25 -18.99 8.76
C TYR B 180 -28.70 -19.54 7.38
N ILE B 181 -27.75 -19.85 6.49
CA ILE B 181 -28.15 -20.30 5.15
C ILE B 181 -28.94 -21.65 5.23
N LYS B 182 -28.59 -22.53 6.17
CA LYS B 182 -29.28 -23.82 6.31
C LYS B 182 -30.65 -23.73 6.98
N ASN B 183 -30.80 -22.88 8.00
CA ASN B 183 -32.05 -22.79 8.79
C ASN B 183 -32.98 -21.63 8.44
N GLU B 184 -32.46 -20.59 7.77
CA GLU B 184 -33.28 -19.42 7.49
C GLU B 184 -33.50 -19.15 5.99
N THR B 185 -32.98 -20.04 5.14
CA THR B 185 -33.22 -19.92 3.70
C THR B 185 -33.56 -21.32 3.16
N SER B 186 -34.10 -21.36 1.93
CA SER B 186 -34.38 -22.60 1.21
C SER B 186 -33.36 -22.78 0.08
N LEU B 187 -32.26 -22.01 0.12
CA LEU B 187 -31.26 -22.09 -0.95
C LEU B 187 -30.52 -23.45 -0.97
N HIS B 188 -30.39 -24.03 -2.16
CA HIS B 188 -29.62 -25.28 -2.35
C HIS B 188 -28.14 -24.86 -2.43
N THR B 189 -27.30 -25.44 -1.55
CA THR B 189 -25.88 -25.05 -1.48
C THR B 189 -24.95 -26.26 -1.66
N PRO B 190 -24.81 -26.79 -2.91
CA PRO B 190 -24.00 -28.01 -3.10
C PRO B 190 -22.52 -27.84 -2.81
N CYS B 191 -21.91 -26.69 -3.17
CA CYS B 191 -20.48 -26.49 -2.87
C CYS B 191 -20.26 -26.44 -1.36
N LEU B 192 -21.09 -25.65 -0.65
CA LEU B 192 -20.98 -25.54 0.80
C LEU B 192 -21.21 -26.91 1.44
N ASP B 193 -22.24 -27.64 0.97
CA ASP B 193 -22.54 -28.98 1.52
C ASP B 193 -21.34 -29.92 1.41
N TYR B 194 -20.68 -29.89 0.24
CA TYR B 194 -19.50 -30.72 -0.04
C TYR B 194 -18.36 -30.32 0.90
N ALA B 195 -18.09 -28.99 1.02
CA ALA B 195 -17.04 -28.46 1.91
C ALA B 195 -17.29 -28.90 3.36
N LEU B 196 -18.57 -28.91 3.80
CA LEU B 196 -18.90 -29.33 5.17
C LEU B 196 -18.62 -30.82 5.39
N GLU B 197 -18.87 -31.63 4.34
CA GLU B 197 -18.58 -33.06 4.40
C GLU B 197 -17.05 -33.26 4.46
N VAL B 198 -16.31 -32.51 3.65
CA VAL B 198 -14.84 -32.55 3.64
C VAL B 198 -14.29 -32.16 5.03
N GLU B 199 -14.86 -31.09 5.64
CA GLU B 199 -14.45 -30.64 6.98
C GLU B 199 -14.54 -31.78 8.01
N LYS B 200 -15.56 -32.62 7.92
CA LYS B 200 -15.67 -33.72 8.87
C LYS B 200 -14.48 -34.66 8.75
N VAL B 201 -14.05 -34.89 7.51
CA VAL B 201 -12.91 -35.77 7.24
C VAL B 201 -11.57 -35.10 7.66
N THR B 202 -11.33 -33.87 7.21
CA THR B 202 -10.07 -33.17 7.52
C THR B 202 -9.88 -32.91 9.01
N THR B 203 -10.96 -32.53 9.74
CA THR B 203 -10.85 -32.31 11.19
C THR B 203 -10.57 -33.62 11.94
N ALA B 204 -11.02 -34.77 11.39
CA ALA B 204 -10.72 -36.09 11.98
C ALA B 204 -9.21 -36.36 11.85
N LYS B 205 -8.56 -35.78 10.79
CA LYS B 205 -7.11 -35.90 10.59
C LYS B 205 -6.38 -35.00 11.60
N LYS B 206 -6.78 -33.71 11.70
CA LYS B 206 -6.18 -32.72 12.59
C LYS B 206 -7.23 -31.65 12.91
N GLY B 207 -7.40 -31.33 14.20
CA GLY B 207 -8.39 -30.38 14.70
C GLY B 207 -8.39 -28.98 14.09
N ASN B 208 -7.22 -28.53 13.61
CA ASN B 208 -7.14 -27.19 13.01
C ASN B 208 -7.60 -27.18 11.55
N LEU B 209 -7.93 -28.35 10.96
CA LEU B 209 -8.33 -28.42 9.55
C LEU B 209 -9.83 -28.13 9.35
N ILE B 210 -10.26 -27.00 9.90
CA ILE B 210 -11.67 -26.59 9.80
C ILE B 210 -11.98 -26.00 8.46
N LEU B 211 -13.28 -25.86 8.16
CA LEU B 211 -13.72 -25.09 7.00
C LEU B 211 -13.57 -23.62 7.47
N ASN B 212 -12.63 -22.90 6.87
CA ASN B 212 -12.36 -21.54 7.31
C ASN B 212 -13.33 -20.53 6.65
N VAL B 213 -13.26 -19.25 7.05
CA VAL B 213 -14.22 -18.27 6.54
C VAL B 213 -14.06 -18.06 5.00
N ASP B 214 -12.83 -18.17 4.47
CA ASP B 214 -12.63 -18.04 3.00
C ASP B 214 -13.31 -19.18 2.25
N GLY B 215 -13.17 -20.41 2.76
CA GLY B 215 -13.82 -21.58 2.17
C GLY B 215 -15.32 -21.45 2.22
N THR B 216 -15.84 -21.00 3.38
CA THR B 216 -17.27 -20.85 3.60
C THR B 216 -17.85 -19.87 2.60
N ILE B 217 -17.29 -18.64 2.57
CA ILE B 217 -17.77 -17.58 1.68
C ILE B 217 -17.60 -17.97 0.20
N GLY B 218 -16.44 -18.53 -0.17
CA GLY B 218 -16.17 -19.01 -1.53
C GLY B 218 -17.23 -20.00 -2.01
N CYS B 219 -17.55 -21.00 -1.16
CA CYS B 219 -18.60 -21.98 -1.49
C CYS B 219 -19.96 -21.32 -1.62
N ILE B 220 -20.32 -20.50 -0.63
CA ILE B 220 -21.64 -19.83 -0.65
C ILE B 220 -21.78 -18.98 -1.92
N LEU B 221 -20.76 -18.19 -2.26
CA LEU B 221 -20.83 -17.34 -3.45
C LEU B 221 -21.01 -18.17 -4.74
N MET B 222 -20.31 -19.34 -4.84
CA MET B 222 -20.51 -20.24 -5.99
C MET B 222 -21.96 -20.76 -5.98
N ASP B 223 -22.50 -21.07 -4.80
CA ASP B 223 -23.87 -21.56 -4.64
C ASP B 223 -24.93 -20.46 -4.91
N LEU B 224 -24.53 -19.16 -4.80
CA LEU B 224 -25.38 -17.99 -5.13
C LEU B 224 -25.23 -17.63 -6.62
N ASP B 225 -24.53 -18.48 -7.40
CA ASP B 225 -24.32 -18.33 -8.84
C ASP B 225 -23.46 -17.12 -9.25
N PHE B 226 -22.59 -16.60 -8.36
CA PHE B 226 -21.69 -15.53 -8.77
C PHE B 226 -20.54 -16.17 -9.58
N PRO B 227 -20.13 -15.55 -10.71
CA PRO B 227 -19.02 -16.13 -11.48
C PRO B 227 -17.70 -15.99 -10.75
N VAL B 228 -16.77 -16.92 -11.01
CA VAL B 228 -15.46 -17.08 -10.38
C VAL B 228 -14.69 -15.77 -10.22
N HIS B 229 -14.64 -14.96 -11.27
CA HIS B 229 -13.87 -13.72 -11.26
C HIS B 229 -14.55 -12.58 -10.47
N SER B 230 -15.86 -12.72 -10.10
CA SER B 230 -16.50 -11.71 -9.26
C SER B 230 -16.24 -12.02 -7.77
N LEU B 231 -15.84 -13.27 -7.45
CA LEU B 231 -15.72 -13.73 -6.06
C LEU B 231 -14.92 -12.83 -5.16
N ASN B 232 -13.77 -12.32 -5.64
CA ASN B 232 -12.94 -11.44 -4.83
C ASN B 232 -13.58 -10.09 -4.45
N GLY B 233 -14.62 -9.68 -5.16
CA GLY B 233 -15.31 -8.42 -4.87
C GLY B 233 -15.81 -8.33 -3.44
N PHE B 234 -16.31 -9.45 -2.91
CA PHE B 234 -16.89 -9.48 -1.57
C PHE B 234 -15.87 -9.15 -0.49
N PHE B 235 -14.66 -9.73 -0.56
CA PHE B 235 -13.60 -9.45 0.42
C PHE B 235 -13.08 -8.03 0.22
N VAL B 236 -12.85 -7.61 -1.06
CA VAL B 236 -12.38 -6.25 -1.35
C VAL B 236 -13.34 -5.19 -0.76
N LEU B 237 -14.66 -5.33 -1.04
CA LEU B 237 -15.63 -4.37 -0.55
C LEU B 237 -15.76 -4.41 0.99
N ALA B 238 -15.94 -5.62 1.55
CA ALA B 238 -16.13 -5.73 2.99
C ALA B 238 -14.94 -5.18 3.77
N ARG B 239 -13.73 -5.58 3.38
CA ARG B 239 -12.52 -5.14 4.10
C ARG B 239 -12.25 -3.62 3.92
N THR B 240 -12.79 -3.00 2.86
CA THR B 240 -12.70 -1.54 2.69
C THR B 240 -13.42 -0.87 3.88
N ILE B 241 -14.53 -1.47 4.36
CA ILE B 241 -15.26 -0.89 5.52
C ILE B 241 -14.29 -0.82 6.71
N GLY B 242 -13.62 -1.93 7.00
CA GLY B 242 -12.67 -2.01 8.09
C GLY B 242 -11.45 -1.12 7.90
N MET B 243 -10.90 -1.06 6.68
CA MET B 243 -9.70 -0.25 6.44
C MET B 243 -9.99 1.25 6.61
N ILE B 244 -11.18 1.69 6.14
CA ILE B 244 -11.62 3.08 6.36
C ILE B 244 -11.68 3.31 7.90
N GLY B 245 -12.30 2.37 8.63
CA GLY B 245 -12.40 2.47 10.08
C GLY B 245 -11.05 2.61 10.76
N HIS B 246 -10.07 1.76 10.35
CA HIS B 246 -8.73 1.82 10.95
C HIS B 246 -8.04 3.15 10.65
N TRP B 247 -8.22 3.67 9.43
CA TRP B 247 -7.64 4.98 9.08
C TRP B 247 -8.23 6.07 10.00
N ILE B 248 -9.57 6.09 10.15
CA ILE B 248 -10.26 7.07 11.02
C ILE B 248 -9.74 6.96 12.47
N ASP B 249 -9.63 5.71 12.96
CA ASP B 249 -9.19 5.41 14.32
C ASP B 249 -7.80 5.98 14.60
N GLN B 250 -6.84 5.71 13.69
CA GLN B 250 -5.48 6.21 13.85
C GLN B 250 -5.44 7.76 13.83
N ASN B 251 -6.26 8.37 12.96
CA ASN B 251 -6.36 9.83 12.88
C ASN B 251 -7.00 10.45 14.13
N ASN B 252 -8.04 9.78 14.71
CA ASN B 252 -8.67 10.22 15.95
C ASN B 252 -7.66 10.24 17.09
N GLN B 253 -6.78 9.22 17.13
CA GLN B 253 -5.75 9.10 18.18
C GLN B 253 -4.53 9.99 17.94
N ASN B 254 -4.44 10.64 16.76
CA ASN B 254 -3.27 11.44 16.37
C ASN B 254 -2.00 10.57 16.46
N SER B 255 -2.12 9.31 15.99
CA SER B 255 -1.03 8.33 16.03
C SER B 255 0.22 8.83 15.35
N ARG B 256 1.36 8.50 15.91
CA ARG B 256 2.66 8.87 15.38
C ARG B 256 3.14 7.89 14.31
N LEU B 257 4.12 8.34 13.51
CA LEU B 257 4.77 7.53 12.48
C LEU B 257 5.22 6.18 13.04
N ILE B 258 4.93 5.10 12.32
CA ILE B 258 5.38 3.78 12.77
C ILE B 258 6.79 3.54 12.28
N ARG B 259 7.65 3.05 13.18
CA ARG B 259 8.99 2.60 12.83
C ARG B 259 9.15 1.20 13.45
N LEU B 260 9.46 0.18 12.61
CA LEU B 260 9.62 -1.18 13.14
C LEU B 260 10.83 -1.22 14.06
N TYR B 261 10.62 -1.65 15.33
CA TYR B 261 11.69 -1.72 16.33
C TYR B 261 12.85 -2.56 15.80
N ASP B 262 14.08 -2.11 16.08
CA ASP B 262 15.31 -2.78 15.62
C ASP B 262 15.33 -4.29 15.90
N TYR B 263 14.92 -4.72 17.12
CA TYR B 263 14.97 -6.15 17.48
C TYR B 263 14.00 -7.02 16.65
N LEU B 264 13.01 -6.39 15.99
CA LEU B 264 12.06 -7.10 15.13
C LEU B 264 12.63 -7.34 13.72
N ILE B 265 13.85 -6.87 13.47
CA ILE B 265 14.47 -7.04 12.16
C ILE B 265 15.72 -7.89 12.30
N ASN B 266 15.81 -8.92 11.46
CA ASN B 266 17.02 -9.72 11.38
C ASN B 266 17.82 -9.19 10.20
N TYR B 267 18.92 -8.45 10.48
CA TYR B 267 19.77 -7.92 9.42
C TYR B 267 20.79 -9.00 9.02
N ALA B 268 20.37 -9.90 8.11
CA ALA B 268 21.20 -10.98 7.57
C ALA B 268 21.92 -10.44 6.33
N VAL B 269 22.69 -9.39 6.56
CA VAL B 269 23.32 -8.61 5.46
C VAL B 269 24.72 -9.14 5.09
N LYS B 270 25.18 -8.66 3.96
CA LYS B 270 26.49 -9.10 3.45
C LYS B 270 27.60 -8.49 4.28
N PRO B 271 28.80 -9.11 4.23
CA PRO B 271 29.96 -8.53 4.87
C PRO B 271 30.22 -7.09 4.38
N GLU B 272 30.54 -6.21 5.31
CA GLU B 272 30.87 -4.83 4.90
C GLU B 272 32.17 -4.86 4.11
N GLN B 273 32.20 -4.18 2.97
CA GLN B 273 33.39 -4.18 2.10
C GLN B 273 33.77 -2.78 1.64
N GLU B 274 35.05 -2.61 1.36
CA GLU B 274 35.57 -1.37 0.77
C GLU B 274 35.13 -1.38 -0.69
N VAL B 275 34.86 -0.18 -1.23
CA VAL B 275 34.48 -0.06 -2.64
C VAL B 275 35.76 -0.18 -3.47
N PRO B 276 35.83 -1.06 -4.49
CA PRO B 276 37.07 -1.15 -5.28
C PRO B 276 37.22 0.04 -6.23
N GLU B 277 38.48 0.44 -6.52
CA GLU B 277 38.71 1.53 -7.48
C GLU B 277 38.29 1.03 -8.86
N LYS B 278 37.72 1.93 -9.70
CA LYS B 278 37.34 1.59 -11.07
C LYS B 278 38.60 1.42 -11.91
N1A COA C . 13.49 22.71 14.64
C2A COA C . 13.69 23.49 15.72
N3A COA C . 13.63 23.16 17.01
C4A COA C . 13.31 21.85 17.17
C5A COA C . 13.11 20.93 16.17
C6A COA C . 13.22 21.40 14.84
N6A COA C . 13.08 20.61 13.76
N7A COA C . 12.77 19.70 16.70
C8A COA C . 12.77 19.90 17.99
N9A COA C . 13.09 21.18 18.35
C1B COA C . 13.14 21.74 19.70
C2B COA C . 11.85 21.57 20.51
O2B COA C . 10.92 22.60 20.21
C3B COA C . 12.40 21.66 21.93
O3B COA C . 12.62 23.05 22.24
P3B COA C . 12.31 23.74 23.66
O7A COA C . 12.98 22.96 24.76
O8A COA C . 12.82 25.19 23.53
O9A COA C . 10.77 23.77 23.78
C4B COA C . 13.79 21.01 21.83
O4B COA C . 14.16 21.07 20.43
C5B COA C . 13.87 19.59 22.31
S SO4 D . 15.27 7.68 8.80
O1 SO4 D . 15.24 7.11 7.46
O2 SO4 D . 15.49 6.62 9.76
O3 SO4 D . 16.35 8.62 8.87
O4 SO4 D . 14.03 8.35 9.10
S SO4 E . -7.24 -14.34 9.91
O1 SO4 E . -6.68 -14.94 8.72
O2 SO4 E . -8.22 -15.27 10.47
O3 SO4 E . -6.20 -14.10 10.86
O4 SO4 E . -7.91 -13.08 9.55
N1A COA F . -6.35 -29.60 3.60
C2A COA F . -6.54 -30.92 3.57
N3A COA F . -5.84 -31.89 4.18
C4A COA F . -4.80 -31.37 4.86
C5A COA F . -4.48 -30.03 4.98
C6A COA F . -5.32 -29.11 4.32
N6A COA F . -5.22 -27.78 4.46
N7A COA F . -3.33 -29.87 5.75
C8A COA F . -3.01 -31.09 6.10
N9A COA F . -3.87 -32.04 5.60
C1B COA F . -3.81 -33.49 5.81
C2B COA F . -2.56 -34.14 5.23
O2B COA F . -2.68 -34.36 3.83
C3B COA F . -2.47 -35.40 6.11
O3B COA F . -3.47 -36.37 5.71
P3B COA F . -3.19 -37.61 4.73
O7A COA F . -2.03 -38.40 5.30
O8A COA F . -4.47 -38.42 4.65
O9A COA F . -2.88 -37.01 3.32
C4B COA F . -2.93 -34.90 7.48
O4B COA F . -3.79 -33.76 7.21
C5B COA F . -1.83 -34.50 8.44
O5B COA F . -1.12 -33.38 7.88
P1A COA F . 0.42 -33.02 8.24
O1A COA F . 1.28 -34.28 8.05
O2A COA F . 0.94 -31.91 7.41
O3A COA F . 0.44 -32.61 9.78
#